data_6IZ6
#
_entry.id   6IZ6
#
_cell.length_a   250.110
_cell.length_b   250.110
_cell.length_c   250.110
_cell.angle_alpha   90.000
_cell.angle_beta   90.000
_cell.angle_gamma   90.000
#
_symmetry.space_group_name_H-M   'F 4 3 2'
#
loop_
_entity.id
_entity.type
_entity.pdbx_description
1 polymer 'Trimeric intracellular cation channel type B-B'
2 non-polymer 'CALCIUM ION'
3 water water
#
_entity_poly.entity_id   1
_entity_poly.type   'polypeptide(L)'
_entity_poly.pdbx_seq_one_letter_code
;MESLSEVSVQFSQLSMFPFFDMAHYLASVMSAREQAGALDIASHSPMASWFSAMLHCFGGGILSSILLAEPPVGILANTT
NIMLASAIWYMVYYFPYDLFYNCFFFLPIRLIAAGMKEVTRTWKILSGITHAHSHYKDAWLVMITIGWARGAGGGLISNF
EQLVRGVWKPESNEFLKMSYPVKVTLIGAVLFTLQHGHYLPISRHNLMFIYTMFLVSIKVTMMLTHSAGSPFLPLETPLH
RILFGLRQNQAEVRESPSSSGAKGKPSKKTLDKDSGEQSNKKDKAAAENLYFQGLEDYKDDDDKHHHHHHHHHH
;
_entity_poly.pdbx_strand_id   A
#
loop_
_chem_comp.id
_chem_comp.type
_chem_comp.name
_chem_comp.formula
CA non-polymer 'CALCIUM ION' 'Ca 2'
#
# COMPACT_ATOMS: atom_id res chain seq x y z
N LEU A 4 -19.92 -8.62 -21.25
CA LEU A 4 -20.40 -7.31 -20.83
C LEU A 4 -19.25 -6.44 -20.32
N SER A 5 -18.36 -6.04 -21.24
CA SER A 5 -17.23 -5.19 -20.87
C SER A 5 -17.66 -3.76 -20.52
N GLU A 6 -18.92 -3.40 -20.75
CA GLU A 6 -19.39 -2.06 -20.40
C GLU A 6 -19.31 -1.79 -18.91
N VAL A 7 -19.32 -2.83 -18.08
CA VAL A 7 -19.19 -2.65 -16.64
C VAL A 7 -17.74 -2.44 -16.22
N SER A 8 -16.78 -2.89 -17.05
CA SER A 8 -15.38 -2.69 -16.72
C SER A 8 -14.95 -1.24 -16.94
N VAL A 9 -15.62 -0.53 -17.84
CA VAL A 9 -15.26 0.87 -18.11
C VAL A 9 -15.67 1.75 -16.94
N GLN A 10 -16.81 1.46 -16.31
CA GLN A 10 -17.27 2.27 -15.19
C GLN A 10 -16.35 2.14 -13.98
N PHE A 11 -15.54 1.08 -13.92
CA PHE A 11 -14.59 0.92 -12.83
C PHE A 11 -13.39 1.84 -12.97
N SER A 12 -12.89 2.01 -14.19
CA SER A 12 -11.74 2.90 -14.42
C SER A 12 -12.03 4.32 -13.96
N GLN A 13 -13.31 4.71 -13.87
CA GLN A 13 -13.71 6.05 -13.46
C GLN A 13 -13.87 6.17 -11.94
N LEU A 14 -13.03 5.49 -11.17
CA LEU A 14 -13.09 5.55 -9.71
C LEU A 14 -12.03 6.52 -9.20
N SER A 15 -12.47 7.49 -8.40
CA SER A 15 -11.57 8.49 -7.82
C SER A 15 -11.10 8.00 -6.45
N MET A 16 -9.78 7.92 -6.29
CA MET A 16 -9.20 7.39 -5.06
C MET A 16 -9.00 8.44 -3.98
N PHE A 17 -9.04 9.73 -4.32
CA PHE A 17 -8.70 10.79 -3.38
C PHE A 17 -9.64 10.86 -2.18
N PRO A 18 -10.96 10.76 -2.35
CA PRO A 18 -11.84 10.85 -1.17
C PRO A 18 -11.88 9.54 -0.38
N PHE A 19 -12.55 8.54 -0.94
CA PHE A 19 -12.86 7.34 -0.18
C PHE A 19 -11.69 6.37 -0.11
N PHE A 20 -10.93 6.23 -1.20
CA PHE A 20 -10.02 5.11 -1.33
C PHE A 20 -8.64 5.35 -0.74
N ASP A 21 -8.21 6.61 -0.62
CA ASP A 21 -6.88 6.87 -0.06
C ASP A 21 -6.81 6.51 1.42
N MET A 22 -7.94 6.59 2.12
CA MET A 22 -7.94 6.37 3.56
C MET A 22 -7.97 4.89 3.92
N ALA A 23 -8.58 4.06 3.06
CA ALA A 23 -8.58 2.61 3.31
C ALA A 23 -7.15 2.07 3.36
N HIS A 24 -6.31 2.47 2.41
CA HIS A 24 -4.90 2.12 2.48
C HIS A 24 -4.26 2.67 3.73
N TYR A 25 -4.59 3.91 4.08
CA TYR A 25 -4.01 4.52 5.28
C TYR A 25 -4.42 3.76 6.53
N LEU A 26 -5.65 3.25 6.57
CA LEU A 26 -6.15 2.58 7.77
C LEU A 26 -5.64 1.15 7.86
N ALA A 27 -5.78 0.37 6.77
CA ALA A 27 -5.29 -1.00 6.77
C ALA A 27 -3.78 -1.07 6.99
N SER A 28 -3.04 -0.05 6.56
CA SER A 28 -1.61 -0.02 6.83
C SER A 28 -1.30 0.44 8.24
N VAL A 29 -2.20 1.17 8.89
CA VAL A 29 -1.98 1.60 10.27
C VAL A 29 -2.51 0.58 11.26
N MET A 30 -3.67 -0.02 10.96
CA MET A 30 -4.18 -1.11 11.80
C MET A 30 -3.21 -2.28 11.83
N SER A 31 -2.73 -2.70 10.65
CA SER A 31 -1.74 -3.76 10.59
C SER A 31 -0.47 -3.39 11.35
N ALA A 32 -0.01 -2.14 11.19
CA ALA A 32 1.22 -1.71 11.85
C ALA A 32 1.10 -1.78 13.37
N ARG A 33 -0.09 -1.51 13.91
CA ARG A 33 -0.28 -1.60 15.36
C ARG A 33 -0.29 -3.05 15.83
N GLU A 34 -0.94 -3.93 15.07
CA GLU A 34 -0.98 -5.35 15.39
C GLU A 34 0.40 -6.02 15.32
N GLN A 35 1.46 -5.27 15.05
CA GLN A 35 2.80 -5.85 14.99
C GLN A 35 3.40 -5.97 16.40
N ALA A 36 4.46 -6.76 16.48
CA ALA A 36 5.07 -7.09 17.76
C ALA A 36 5.49 -5.84 18.52
N GLY A 37 4.87 -5.63 19.68
CA GLY A 37 5.24 -4.54 20.57
C GLY A 37 4.95 -3.15 20.07
N ALA A 38 4.15 -3.02 19.01
CA ALA A 38 3.86 -1.69 18.48
C ALA A 38 2.98 -0.87 19.42
N LEU A 39 2.31 -1.51 20.37
CA LEU A 39 1.44 -0.77 21.28
C LEU A 39 2.24 0.00 22.32
N ASP A 40 3.26 -0.63 22.90
CA ASP A 40 4.11 0.06 23.86
C ASP A 40 4.83 1.23 23.23
N ILE A 41 5.13 1.14 21.93
CA ILE A 41 5.79 2.25 21.23
C ILE A 41 4.93 3.50 21.27
N ALA A 42 3.64 3.35 20.97
CA ALA A 42 2.76 4.51 20.88
C ALA A 42 2.44 5.10 22.25
N SER A 43 2.49 4.29 23.30
CA SER A 43 2.14 4.78 24.63
C SER A 43 3.25 5.62 25.25
N HIS A 44 4.51 5.26 24.99
CA HIS A 44 5.65 5.96 25.57
C HIS A 44 6.41 6.82 24.57
N SER A 45 6.27 6.58 23.28
CA SER A 45 6.91 7.38 22.24
C SER A 45 5.91 7.64 21.13
N PRO A 46 5.04 8.66 21.30
CA PRO A 46 4.08 8.98 20.24
C PRO A 46 4.76 9.37 18.94
N MET A 47 5.89 10.08 19.04
CA MET A 47 6.61 10.54 17.86
C MET A 47 6.99 9.37 16.94
N ALA A 48 7.43 8.26 17.53
CA ALA A 48 8.03 7.17 16.77
C ALA A 48 6.99 6.22 16.17
N SER A 49 5.89 5.97 16.88
CA SER A 49 4.84 5.14 16.28
C SER A 49 4.21 5.83 15.09
N TRP A 50 4.23 7.17 15.08
CA TRP A 50 3.66 7.93 13.97
C TRP A 50 4.46 7.71 12.70
N PHE A 51 5.75 8.03 12.74
CA PHE A 51 6.60 7.84 11.57
C PHE A 51 6.61 6.39 11.10
N SER A 52 6.42 5.45 12.03
CA SER A 52 6.25 4.05 11.64
C SER A 52 4.98 3.85 10.82
N ALA A 53 3.91 4.56 11.19
CA ALA A 53 2.68 4.46 10.42
C ALA A 53 2.84 5.06 9.03
N MET A 54 3.58 6.17 8.94
CA MET A 54 3.73 6.86 7.65
C MET A 54 4.49 5.99 6.64
N LEU A 55 5.50 5.24 7.12
CA LEU A 55 6.18 4.31 6.24
C LEU A 55 5.27 3.17 5.80
N HIS A 56 4.26 2.83 6.59
CA HIS A 56 3.29 1.84 6.15
C HIS A 56 2.37 2.40 5.08
N CYS A 57 2.03 3.68 5.16
CA CYS A 57 1.13 4.31 4.19
C CYS A 57 1.88 4.87 3.00
N PHE A 58 2.83 5.78 3.25
CA PHE A 58 3.53 6.48 2.20
C PHE A 58 4.86 5.86 1.84
N GLY A 59 5.17 4.68 2.38
CA GLY A 59 6.38 3.99 1.98
C GLY A 59 6.40 3.67 0.50
N GLY A 60 5.23 3.36 -0.07
CA GLY A 60 5.15 3.21 -1.51
C GLY A 60 5.62 4.45 -2.24
N GLY A 61 5.12 5.62 -1.82
CA GLY A 61 5.63 6.86 -2.36
C GLY A 61 7.04 7.17 -1.90
N ILE A 62 7.34 6.88 -0.63
CA ILE A 62 8.67 7.18 -0.09
C ILE A 62 9.73 6.40 -0.85
N LEU A 63 9.58 5.08 -0.93
CA LEU A 63 10.59 4.26 -1.59
C LEU A 63 10.71 4.62 -3.06
N SER A 64 9.58 4.78 -3.76
CA SER A 64 9.63 5.12 -5.18
C SER A 64 10.32 6.45 -5.42
N SER A 65 10.22 7.39 -4.47
CA SER A 65 10.92 8.66 -4.59
C SER A 65 12.43 8.46 -4.47
N ILE A 66 12.86 7.59 -3.56
CA ILE A 66 14.29 7.34 -3.39
C ILE A 66 14.87 6.69 -4.64
N LEU A 67 14.07 5.92 -5.37
CA LEU A 67 14.59 5.20 -6.54
C LEU A 67 14.71 6.09 -7.77
N LEU A 68 13.80 7.05 -7.95
CA LEU A 68 13.81 7.93 -9.12
C LEU A 68 14.56 9.24 -8.87
N ALA A 69 15.34 9.33 -7.81
CA ALA A 69 16.04 10.56 -7.42
C ALA A 69 15.06 11.72 -7.19
N GLU A 70 13.84 11.40 -6.75
CA GLU A 70 12.85 12.41 -6.41
C GLU A 70 12.86 12.65 -4.90
N PRO A 71 12.66 13.88 -4.45
CA PRO A 71 12.75 14.18 -3.02
C PRO A 71 11.69 13.43 -2.24
N PRO A 72 12.10 12.58 -1.29
CA PRO A 72 11.10 11.83 -0.49
C PRO A 72 10.23 12.73 0.35
N VAL A 73 10.62 13.99 0.57
CA VAL A 73 9.75 14.97 1.19
C VAL A 73 8.59 15.36 0.27
N GLY A 74 8.66 14.97 -1.01
CA GLY A 74 7.56 15.27 -1.92
C GLY A 74 6.25 14.62 -1.51
N ILE A 75 6.31 13.39 -1.00
CA ILE A 75 5.11 12.75 -0.50
C ILE A 75 4.55 13.52 0.70
N LEU A 76 5.44 14.19 1.44
CA LEU A 76 5.04 14.97 2.61
C LEU A 76 4.37 16.29 2.25
N ALA A 77 4.64 16.84 1.06
CA ALA A 77 4.08 18.13 0.69
C ALA A 77 2.56 18.07 0.55
N ASN A 78 2.04 16.93 0.08
CA ASN A 78 0.61 16.74 -0.08
C ASN A 78 -0.09 16.77 1.28
N THR A 79 -0.18 17.96 1.88
CA THR A 79 -0.69 18.08 3.24
C THR A 79 -2.09 17.51 3.38
N THR A 80 -2.89 17.54 2.32
CA THR A 80 -4.21 16.92 2.38
C THR A 80 -4.11 15.40 2.46
N ASN A 81 -3.04 14.82 1.91
CA ASN A 81 -2.81 13.38 1.98
C ASN A 81 -2.10 12.98 3.26
N ILE A 82 -1.10 13.76 3.70
CA ILE A 82 -0.42 13.47 4.95
C ILE A 82 -1.39 13.59 6.12
N MET A 83 -2.11 14.71 6.19
CA MET A 83 -3.12 14.88 7.23
C MET A 83 -4.24 13.86 7.11
N LEU A 84 -4.46 13.32 5.91
CA LEU A 84 -5.47 12.26 5.77
C LEU A 84 -5.04 10.99 6.50
N ALA A 85 -3.74 10.70 6.50
CA ALA A 85 -3.24 9.47 7.12
C ALA A 85 -2.96 9.63 8.61
N SER A 86 -2.56 10.81 9.06
CA SER A 86 -2.18 10.98 10.46
C SER A 86 -3.40 11.04 11.38
N ALA A 87 -4.52 11.57 10.90
CA ALA A 87 -5.74 11.56 11.70
C ALA A 87 -6.15 10.13 12.04
N ILE A 88 -5.99 9.20 11.09
CA ILE A 88 -6.28 7.80 11.35
C ILE A 88 -5.35 7.24 12.41
N TRP A 89 -4.05 7.56 12.29
CA TRP A 89 -3.07 7.06 13.25
C TRP A 89 -3.38 7.49 14.68
N TYR A 90 -3.95 8.68 14.85
CA TYR A 90 -4.29 9.12 16.20
C TYR A 90 -5.47 8.33 16.75
N MET A 91 -6.53 8.17 15.97
CA MET A 91 -7.72 7.49 16.46
C MET A 91 -7.51 5.99 16.57
N VAL A 92 -6.77 5.40 15.63
CA VAL A 92 -6.43 3.99 15.72
C VAL A 92 -5.79 3.69 17.07
N TYR A 93 -4.87 4.54 17.49
CA TYR A 93 -4.21 4.36 18.80
C TYR A 93 -4.98 5.09 19.89
N TYR A 94 -4.97 6.42 19.86
CA TYR A 94 -5.44 7.26 20.97
C TYR A 94 -6.92 7.60 20.91
N PHE A 95 -7.80 6.64 20.58
CA PHE A 95 -9.18 7.06 20.64
C PHE A 95 -9.76 6.79 22.02
N PRO A 96 -10.65 7.65 22.53
CA PRO A 96 -11.21 7.43 23.88
C PRO A 96 -12.03 6.14 23.93
N TYR A 97 -11.75 5.33 24.96
CA TYR A 97 -12.32 3.99 25.12
C TYR A 97 -11.99 3.06 23.96
N ASP A 98 -11.00 3.45 23.14
CA ASP A 98 -10.56 2.69 21.97
C ASP A 98 -11.74 2.20 21.12
N LEU A 99 -12.78 3.04 21.04
CA LEU A 99 -13.93 2.69 20.21
C LEU A 99 -13.58 2.69 18.72
N PHE A 100 -12.51 3.39 18.35
CA PHE A 100 -12.13 3.44 16.94
C PHE A 100 -11.60 2.10 16.44
N TYR A 101 -10.63 1.53 17.16
CA TYR A 101 -10.06 0.25 16.73
C TYR A 101 -11.06 -0.89 16.88
N ASN A 102 -11.82 -0.90 18.00
CA ASN A 102 -12.79 -1.97 18.20
C ASN A 102 -13.81 -2.04 17.07
N CYS A 103 -14.14 -0.89 16.47
CA CYS A 103 -15.11 -0.87 15.39
C CYS A 103 -14.52 -1.39 14.09
N PHE A 104 -13.37 -0.86 13.68
CA PHE A 104 -12.77 -1.28 12.42
C PHE A 104 -12.19 -2.70 12.48
N PHE A 105 -11.85 -3.19 13.67
CA PHE A 105 -11.39 -4.57 13.77
C PHE A 105 -12.51 -5.57 13.49
N PHE A 106 -13.77 -5.14 13.62
CA PHE A 106 -14.90 -6.01 13.32
C PHE A 106 -14.73 -6.63 11.94
N LEU A 107 -15.00 -7.93 11.85
CA LEU A 107 -14.61 -8.70 10.67
C LEU A 107 -15.18 -8.15 9.38
N PRO A 108 -16.50 -7.93 9.23
CA PRO A 108 -16.99 -7.33 7.98
C PRO A 108 -16.36 -5.99 7.68
N ILE A 109 -16.25 -5.13 8.69
CA ILE A 109 -15.60 -3.84 8.51
C ILE A 109 -14.12 -4.03 8.18
N ARG A 110 -13.44 -4.92 8.90
CA ARG A 110 -12.04 -5.17 8.60
C ARG A 110 -11.87 -5.80 7.23
N LEU A 111 -12.83 -6.62 6.80
CA LEU A 111 -12.77 -7.20 5.46
C LEU A 111 -12.85 -6.12 4.38
N ILE A 112 -13.77 -5.17 4.54
CA ILE A 112 -13.91 -4.10 3.55
C ILE A 112 -12.72 -3.16 3.61
N ALA A 113 -12.24 -2.85 4.81
CA ALA A 113 -11.12 -1.94 4.96
C ALA A 113 -9.88 -2.47 4.25
N ALA A 114 -9.59 -3.76 4.42
CA ALA A 114 -8.46 -4.36 3.74
C ALA A 114 -8.73 -4.60 2.26
N GLY A 115 -9.98 -4.85 1.89
CA GLY A 115 -10.30 -5.06 0.48
C GLY A 115 -10.06 -3.84 -0.37
N MET A 116 -10.27 -2.64 0.18
CA MET A 116 -10.09 -1.41 -0.58
C MET A 116 -8.64 -0.96 -0.61
N LYS A 117 -7.82 -1.37 0.36
CA LYS A 117 -6.38 -1.11 0.25
C LYS A 117 -5.80 -1.83 -0.96
N GLU A 118 -6.34 -3.01 -1.29
CA GLU A 118 -5.90 -3.73 -2.48
C GLU A 118 -6.29 -2.99 -3.75
N VAL A 119 -7.36 -2.20 -3.71
CA VAL A 119 -7.73 -1.36 -4.85
C VAL A 119 -6.69 -0.26 -5.06
N THR A 120 -6.35 0.44 -3.98
CA THR A 120 -5.31 1.47 -4.06
C THR A 120 -3.99 0.91 -4.55
N ARG A 121 -3.78 -0.40 -4.37
CA ARG A 121 -2.54 -1.03 -4.79
C ARG A 121 -2.38 -1.03 -6.31
N THR A 122 -3.49 -1.01 -7.04
CA THR A 122 -3.43 -1.16 -8.50
C THR A 122 -3.02 0.13 -9.19
N TRP A 123 -3.67 1.25 -8.86
CA TRP A 123 -3.29 2.52 -9.48
C TRP A 123 -1.87 2.92 -9.09
N LYS A 124 -1.43 2.56 -7.87
CA LYS A 124 -0.07 2.86 -7.46
C LYS A 124 0.95 2.12 -8.32
N ILE A 125 0.61 0.90 -8.74
CA ILE A 125 1.45 0.20 -9.71
C ILE A 125 1.48 0.98 -11.03
N LEU A 126 0.31 1.25 -11.59
CA LEU A 126 0.23 2.05 -12.80
C LEU A 126 0.72 3.48 -12.60
N SER A 127 0.71 3.97 -11.36
CA SER A 127 1.29 5.28 -11.08
C SER A 127 2.77 5.30 -11.48
N GLY A 128 3.58 4.47 -10.83
CA GLY A 128 5.00 4.47 -11.10
C GLY A 128 5.38 3.90 -12.45
N ILE A 129 4.53 3.02 -13.00
CA ILE A 129 4.79 2.47 -14.32
C ILE A 129 4.79 3.58 -15.37
N THR A 130 3.75 4.41 -15.35
CA THR A 130 3.70 5.58 -16.20
C THR A 130 4.62 6.70 -15.72
N HIS A 131 4.90 6.74 -14.41
CA HIS A 131 5.78 7.78 -13.89
C HIS A 131 7.24 7.47 -14.21
N ALA A 132 7.62 6.19 -14.19
CA ALA A 132 8.94 5.81 -14.67
C ALA A 132 9.03 5.94 -16.18
N HIS A 133 7.88 5.84 -16.87
CA HIS A 133 7.83 6.12 -18.30
C HIS A 133 8.25 7.54 -18.60
N SER A 134 7.84 8.48 -17.74
CA SER A 134 8.20 9.88 -17.92
C SER A 134 9.72 10.07 -17.95
N HIS A 135 10.41 9.55 -16.92
CA HIS A 135 11.86 9.68 -16.87
C HIS A 135 12.55 8.75 -17.87
N TYR A 136 11.99 7.57 -18.09
CA TYR A 136 12.59 6.57 -18.98
C TYR A 136 11.49 5.97 -19.83
N LYS A 137 11.52 6.27 -21.12
CA LYS A 137 10.44 5.90 -22.06
C LYS A 137 10.08 4.43 -22.00
N ASP A 138 10.85 3.60 -22.71
CA ASP A 138 10.55 2.18 -22.85
C ASP A 138 11.53 1.31 -22.06
N ALA A 139 11.88 1.75 -20.85
CA ALA A 139 12.68 0.94 -19.94
C ALA A 139 11.76 -0.10 -19.30
N TRP A 140 11.94 -1.37 -19.68
CA TRP A 140 11.06 -2.42 -19.16
C TRP A 140 11.29 -2.65 -17.67
N LEU A 141 12.54 -2.61 -17.24
CA LEU A 141 12.86 -2.84 -15.83
C LEU A 141 12.36 -1.69 -14.97
N VAL A 142 12.80 -0.47 -15.28
CA VAL A 142 12.50 0.70 -14.45
C VAL A 142 11.01 0.82 -14.18
N MET A 143 10.17 0.40 -15.12
CA MET A 143 8.73 0.47 -14.92
C MET A 143 8.24 -0.63 -13.99
N ILE A 144 8.84 -1.82 -14.04
CA ILE A 144 8.50 -2.87 -13.09
C ILE A 144 8.87 -2.44 -11.67
N THR A 145 9.99 -1.74 -11.53
CA THR A 145 10.47 -1.35 -10.20
C THR A 145 9.57 -0.29 -9.58
N ILE A 146 9.43 0.87 -10.24
CA ILE A 146 8.68 1.97 -9.64
C ILE A 146 7.20 1.65 -9.51
N GLY A 147 6.69 0.72 -10.32
CA GLY A 147 5.35 0.20 -10.09
C GLY A 147 5.30 -0.68 -8.86
N TRP A 148 6.32 -1.53 -8.70
CA TRP A 148 6.43 -2.36 -7.51
C TRP A 148 6.67 -1.54 -6.25
N ALA A 149 7.50 -0.49 -6.36
CA ALA A 149 7.86 0.29 -5.19
C ALA A 149 6.69 1.03 -4.58
N ARG A 150 5.67 1.36 -5.39
CA ARG A 150 4.48 2.02 -4.88
C ARG A 150 3.41 1.03 -4.42
N GLY A 151 3.45 -0.20 -4.90
CA GLY A 151 2.45 -1.19 -4.54
C GLY A 151 2.64 -1.74 -3.14
N ALA A 152 3.88 -2.06 -2.79
CA ALA A 152 4.24 -2.60 -1.49
C ALA A 152 5.49 -1.89 -0.94
N GLY A 153 5.44 -0.56 -0.91
CA GLY A 153 6.57 0.18 -0.37
C GLY A 153 6.75 -0.03 1.12
N GLY A 154 5.64 -0.09 1.86
CA GLY A 154 5.71 -0.30 3.29
C GLY A 154 6.29 -1.65 3.68
N GLY A 155 6.28 -2.61 2.76
CA GLY A 155 6.85 -3.92 3.03
C GLY A 155 8.29 -4.05 2.64
N LEU A 156 8.80 -3.14 1.80
CA LEU A 156 10.19 -3.15 1.39
C LEU A 156 11.08 -2.30 2.27
N ILE A 157 10.56 -1.21 2.83
CA ILE A 157 11.30 -0.42 3.79
C ILE A 157 11.02 -1.00 5.17
N SER A 158 10.31 -2.14 5.20
CA SER A 158 9.88 -2.74 6.46
C SER A 158 11.08 -3.07 7.34
N ASN A 159 12.15 -3.61 6.75
CA ASN A 159 13.35 -3.89 7.52
C ASN A 159 13.89 -2.61 8.15
N PHE A 160 13.87 -1.50 7.40
CA PHE A 160 14.23 -0.20 7.97
C PHE A 160 13.08 0.43 8.75
N GLU A 161 11.84 0.03 8.47
CA GLU A 161 10.72 0.49 9.28
C GLU A 161 10.69 -0.19 10.64
N GLN A 162 11.07 -1.47 10.70
CA GLN A 162 11.25 -2.12 11.99
C GLN A 162 12.28 -1.39 12.84
N LEU A 163 13.42 -1.06 12.22
CA LEU A 163 14.48 -0.30 12.90
C LEU A 163 13.96 1.00 13.50
N VAL A 164 12.80 1.49 13.04
CA VAL A 164 12.23 2.70 13.60
C VAL A 164 11.61 2.42 14.97
N ARG A 165 10.69 1.46 15.04
CA ARG A 165 10.07 1.15 16.32
C ARG A 165 11.04 0.56 17.33
N GLY A 166 12.27 0.26 16.93
CA GLY A 166 13.28 -0.29 17.80
C GLY A 166 13.72 -1.71 17.47
N VAL A 167 13.00 -2.42 16.61
CA VAL A 167 13.27 -3.83 16.35
C VAL A 167 14.27 -3.96 15.21
N TRP A 168 15.34 -4.71 15.45
CA TRP A 168 16.37 -4.95 14.44
C TRP A 168 16.50 -6.46 14.24
N LYS A 169 15.90 -6.95 13.16
CA LYS A 169 15.94 -8.38 12.85
C LYS A 169 16.64 -8.61 11.51
N PRO A 170 17.97 -8.52 11.47
CA PRO A 170 18.67 -8.55 10.18
C PRO A 170 18.52 -9.84 9.38
N GLU A 171 17.75 -10.79 9.90
CA GLU A 171 17.53 -12.05 9.21
C GLU A 171 16.21 -12.07 8.46
N SER A 172 15.36 -11.07 8.65
CA SER A 172 14.02 -11.03 8.06
C SER A 172 14.00 -10.01 6.93
N ASN A 173 14.62 -10.37 5.81
CA ASN A 173 14.56 -9.56 4.61
C ASN A 173 13.41 -10.01 3.72
N GLU A 174 13.08 -9.17 2.75
CA GLU A 174 11.96 -9.44 1.87
C GLU A 174 12.37 -10.26 0.64
N PHE A 175 13.61 -10.11 0.18
CA PHE A 175 14.09 -10.94 -0.93
C PHE A 175 14.35 -12.36 -0.47
N LEU A 176 14.63 -12.55 0.82
CA LEU A 176 14.90 -13.89 1.34
C LEU A 176 13.64 -14.73 1.40
N LYS A 177 12.52 -14.15 1.83
CA LYS A 177 11.24 -14.82 1.80
C LYS A 177 10.19 -13.80 1.37
N MET A 178 9.68 -13.95 0.15
CA MET A 178 8.72 -13.00 -0.40
C MET A 178 7.37 -13.16 0.29
N SER A 179 6.90 -12.11 0.94
CA SER A 179 5.59 -12.15 1.58
C SER A 179 4.48 -12.07 0.53
N TYR A 180 3.24 -12.24 0.98
CA TYR A 180 2.11 -12.18 0.05
C TYR A 180 1.94 -10.80 -0.56
N PRO A 181 1.77 -9.71 0.20
CA PRO A 181 1.55 -8.40 -0.44
C PRO A 181 2.68 -7.98 -1.36
N VAL A 182 3.84 -8.61 -1.28
CA VAL A 182 5.01 -8.22 -2.06
C VAL A 182 5.20 -9.11 -3.29
N LYS A 183 5.14 -10.43 -3.10
CA LYS A 183 5.23 -11.32 -4.26
C LYS A 183 4.05 -11.15 -5.20
N VAL A 184 2.98 -10.51 -4.72
CA VAL A 184 1.85 -10.19 -5.58
C VAL A 184 2.12 -8.90 -6.36
N THR A 185 2.56 -7.85 -5.66
CA THR A 185 2.87 -6.60 -6.34
C THR A 185 4.00 -6.78 -7.34
N LEU A 186 4.94 -7.70 -7.07
CA LEU A 186 5.92 -8.06 -8.08
C LEU A 186 5.25 -8.65 -9.31
N ILE A 187 4.28 -9.55 -9.10
CA ILE A 187 3.53 -10.11 -10.21
C ILE A 187 2.73 -9.02 -10.91
N GLY A 188 2.12 -8.13 -10.13
CA GLY A 188 1.35 -7.04 -10.72
C GLY A 188 2.22 -6.05 -11.48
N ALA A 189 3.33 -5.64 -10.86
CA ALA A 189 4.23 -4.68 -11.52
C ALA A 189 4.77 -5.23 -12.83
N VAL A 190 4.87 -6.55 -12.96
CA VAL A 190 5.32 -7.15 -14.20
C VAL A 190 4.19 -7.18 -15.23
N LEU A 191 2.99 -7.57 -14.82
CA LEU A 191 1.86 -7.66 -15.75
C LEU A 191 1.55 -6.29 -16.38
N PHE A 192 1.32 -5.28 -15.54
CA PHE A 192 0.99 -3.96 -16.06
C PHE A 192 2.16 -3.32 -16.81
N THR A 193 3.40 -3.73 -16.54
CA THR A 193 4.52 -3.28 -17.38
C THR A 193 4.42 -3.89 -18.77
N LEU A 194 3.88 -5.11 -18.87
CA LEU A 194 3.56 -5.65 -20.18
C LEU A 194 2.32 -5.00 -20.79
N GLN A 195 1.49 -4.37 -19.97
CA GLN A 195 0.31 -3.66 -20.49
C GLN A 195 0.70 -2.34 -21.13
N HIS A 196 1.41 -1.48 -20.39
CA HIS A 196 1.87 -0.21 -20.95
C HIS A 196 2.86 -0.44 -22.09
N GLY A 197 3.63 -1.52 -22.03
CA GLY A 197 4.51 -1.91 -23.11
C GLY A 197 3.85 -2.65 -24.25
N HIS A 198 2.55 -2.93 -24.13
CA HIS A 198 1.72 -3.58 -25.15
C HIS A 198 2.21 -4.98 -25.49
N TYR A 199 2.92 -5.62 -24.59
CA TYR A 199 3.27 -7.03 -24.71
C TYR A 199 2.22 -7.95 -24.13
N LEU A 200 1.12 -7.40 -23.60
CA LEU A 200 0.10 -8.16 -22.90
C LEU A 200 -1.23 -8.03 -23.63
N PRO A 201 -1.82 -9.12 -24.13
CA PRO A 201 -3.07 -9.04 -24.95
C PRO A 201 -4.34 -8.84 -24.13
N ILE A 202 -4.47 -7.62 -23.59
CA ILE A 202 -5.70 -7.18 -22.93
C ILE A 202 -5.57 -5.67 -22.69
N SER A 203 -6.67 -4.95 -22.83
CA SER A 203 -6.64 -3.51 -22.60
C SER A 203 -6.32 -3.22 -21.14
N ARG A 204 -5.81 -2.01 -20.89
CA ARG A 204 -5.56 -1.57 -19.53
C ARG A 204 -6.82 -1.68 -18.68
N HIS A 205 -7.89 -1.00 -19.10
CA HIS A 205 -9.10 -0.93 -18.30
C HIS A 205 -9.74 -2.31 -18.07
N ASN A 206 -9.40 -3.31 -18.88
CA ASN A 206 -9.81 -4.67 -18.59
C ASN A 206 -8.79 -5.41 -17.75
N LEU A 207 -7.49 -5.15 -17.96
CA LEU A 207 -6.47 -5.70 -17.08
C LEU A 207 -6.47 -4.98 -15.73
N MET A 208 -6.63 -3.66 -15.75
CA MET A 208 -6.68 -2.89 -14.51
C MET A 208 -7.79 -3.38 -13.59
N PHE A 209 -8.85 -3.95 -14.15
CA PHE A 209 -9.97 -4.43 -13.37
C PHE A 209 -9.84 -5.89 -12.97
N ILE A 210 -9.15 -6.71 -13.76
CA ILE A 210 -9.06 -8.13 -13.43
C ILE A 210 -7.97 -8.39 -12.39
N TYR A 211 -6.92 -7.56 -12.37
CA TYR A 211 -5.85 -7.74 -11.39
C TYR A 211 -6.34 -7.41 -9.99
N THR A 212 -7.15 -6.35 -9.86
CA THR A 212 -7.65 -5.93 -8.56
C THR A 212 -8.63 -6.94 -7.97
N MET A 213 -9.25 -7.77 -8.81
CA MET A 213 -10.22 -8.73 -8.29
C MET A 213 -9.55 -9.97 -7.68
N PHE A 214 -8.55 -10.52 -8.39
CA PHE A 214 -7.80 -11.64 -7.82
C PHE A 214 -7.13 -11.25 -6.51
N LEU A 215 -6.73 -9.97 -6.39
CA LEU A 215 -6.04 -9.48 -5.20
C LEU A 215 -6.99 -9.34 -4.01
N VAL A 216 -8.25 -8.97 -4.27
CA VAL A 216 -9.21 -8.81 -3.18
C VAL A 216 -9.82 -10.14 -2.78
N SER A 217 -10.05 -11.04 -3.75
CA SER A 217 -10.64 -12.33 -3.41
C SER A 217 -9.71 -13.17 -2.56
N ILE A 218 -8.41 -12.91 -2.63
CA ILE A 218 -7.46 -13.62 -1.78
C ILE A 218 -7.50 -13.08 -0.35
N LYS A 219 -7.22 -11.78 -0.20
CA LYS A 219 -7.16 -11.21 1.15
C LYS A 219 -8.49 -11.36 1.87
N VAL A 220 -9.60 -11.37 1.14
CA VAL A 220 -10.89 -11.64 1.77
C VAL A 220 -10.98 -13.11 2.17
N THR A 221 -10.49 -14.01 1.34
CA THR A 221 -10.38 -15.41 1.74
C THR A 221 -9.33 -15.58 2.84
N MET A 222 -8.27 -14.77 2.82
CA MET A 222 -7.24 -14.84 3.85
C MET A 222 -7.81 -14.52 5.22
N MET A 223 -8.54 -13.41 5.32
CA MET A 223 -9.05 -12.95 6.61
C MET A 223 -10.28 -13.71 7.07
N LEU A 224 -10.99 -14.39 6.16
CA LEU A 224 -12.10 -15.23 6.56
C LEU A 224 -11.62 -16.56 7.14
N THR A 225 -10.46 -17.04 6.68
CA THR A 225 -9.86 -18.26 7.20
C THR A 225 -8.81 -18.00 8.27
N HIS A 226 -8.45 -16.74 8.52
CA HIS A 226 -7.56 -16.40 9.63
C HIS A 226 -8.31 -16.18 10.93
N SER A 227 -9.59 -15.81 10.86
CA SER A 227 -10.41 -15.65 12.04
C SER A 227 -11.40 -16.80 12.18
CA CA B . 17.52 15.43 -8.83
#